data_3BRQ
#
_entry.id   3BRQ
#
_cell.length_a   62.229
_cell.length_b   65.446
_cell.length_c   130.706
_cell.angle_alpha   90.00
_cell.angle_beta   90.00
_cell.angle_gamma   90.00
#
_symmetry.space_group_name_H-M   'P 21 21 21'
#
loop_
_entity.id
_entity.type
_entity.pdbx_description
1 polymer 'HTH-type transcriptional regulator ascG'
2 non-polymer beta-D-fructofuranose
3 non-polymer 'SULFATE ION'
4 non-polymer 'SODIUM ION'
5 water water
#
_entity_poly.entity_id   1
_entity_poly.type   'polypeptide(L)'
_entity_poly.pdbx_seq_one_letter_code
;GHSGYRPNLLARNLSAKSTQTLGLVVTNTLYHGIYFSELLFHAAR(MSE)AEEKGRQLLLADGKHSAEEERQAIQYLLDL
RCDAI(MSE)IYPRFLSVDEIDDIIDAHSQPI(MSE)VLNRRLRKNSSHSVWCDHKQTSFNAVAELINAGHQEIAFLTGS
(MSE)DSPTSIERLAGYKDALAQHGIALNEKLIANGKWTPASGAEGVE(MSE)LLERGAKFSALVASNDD(MSE)AIGA
(MSE)KALHERGVAVPEQVSVIGFDDIAIAPYTVPALSSVKIPVTE(MSE)IQEIIGRLIF(MSE)LDGGDFSPPKTFSG
KLIRRDSLIAPSR
;
_entity_poly.pdbx_strand_id   A,B
#
# COMPACT_ATOMS: atom_id res chain seq x y z
N THR A 19 -8.16 -9.23 -26.74
CA THR A 19 -8.15 -7.86 -26.11
C THR A 19 -6.77 -7.14 -26.19
N GLN A 20 -6.80 -5.82 -26.12
CA GLN A 20 -5.61 -5.02 -26.17
C GLN A 20 -4.93 -5.00 -24.80
N THR A 21 -3.64 -4.69 -24.79
CA THR A 21 -2.88 -4.65 -23.55
C THR A 21 -2.29 -3.25 -23.33
N LEU A 22 -2.40 -2.77 -22.12
CA LEU A 22 -1.69 -1.60 -21.68
C LEU A 22 -0.49 -2.04 -20.85
N GLY A 23 0.68 -1.57 -21.21
CA GLY A 23 1.88 -1.92 -20.48
C GLY A 23 2.28 -0.74 -19.62
N LEU A 24 2.76 -1.04 -18.42
CA LEU A 24 3.15 -0.07 -17.43
C LEU A 24 4.61 -0.37 -17.08
N VAL A 25 5.48 0.64 -17.21
CA VAL A 25 6.86 0.52 -16.80
C VAL A 25 7.01 1.34 -15.52
N VAL A 26 7.38 0.67 -14.44
CA VAL A 26 7.68 1.36 -13.19
C VAL A 26 8.88 0.65 -12.55
N THR A 27 9.95 1.41 -12.36
CA THR A 27 11.09 1.00 -11.55
C THR A 27 10.75 0.52 -10.16
N ASN A 28 11.48 -0.48 -9.70
CA ASN A 28 11.18 -1.10 -8.40
C ASN A 28 11.58 -0.23 -7.24
N THR A 29 12.39 0.78 -7.54
CA THR A 29 12.74 1.74 -6.55
C THR A 29 11.50 2.53 -6.10
N LEU A 30 10.44 2.51 -6.91
CA LEU A 30 9.15 3.14 -6.53
C LEU A 30 8.11 2.16 -5.96
N TYR A 31 8.49 0.89 -5.80
CA TYR A 31 7.52 -0.09 -5.23
C TYR A 31 7.52 0.02 -3.71
N HIS A 32 7.14 1.21 -3.26
CA HIS A 32 6.95 1.55 -1.85
C HIS A 32 5.91 2.68 -1.83
N TYR A 35 1.15 5.33 -2.39
CA TYR A 35 1.09 5.86 -3.74
C TYR A 35 1.26 4.77 -4.83
N PHE A 36 2.26 3.91 -4.65
CA PHE A 36 2.44 2.81 -5.58
C PHE A 36 1.30 1.79 -5.45
N SER A 37 0.97 1.48 -4.22
CA SER A 37 -0.15 0.59 -3.91
C SER A 37 -1.42 1.07 -4.66
N GLU A 38 -1.63 2.42 -4.66
CA GLU A 38 -2.80 3.11 -5.23
C GLU A 38 -2.77 2.98 -6.72
N LEU A 39 -1.68 3.44 -7.33
CA LEU A 39 -1.46 3.34 -8.74
C LEU A 39 -1.72 1.94 -9.27
N LEU A 40 -1.17 0.90 -8.65
CA LEU A 40 -1.39 -0.43 -9.18
C LEU A 40 -2.86 -0.82 -9.09
N PHE A 41 -3.47 -0.58 -7.95
CA PHE A 41 -4.88 -0.90 -7.79
C PHE A 41 -5.72 -0.18 -8.84
N HIS A 42 -5.51 1.13 -8.98
CA HIS A 42 -6.33 1.96 -9.87
C HIS A 42 -6.03 1.82 -11.35
N ALA A 43 -4.77 1.69 -11.74
CA ALA A 43 -4.48 1.41 -13.14
C ALA A 43 -5.13 0.08 -13.58
N ALA A 44 -5.00 -0.95 -12.75
CA ALA A 44 -5.62 -2.24 -13.05
C ALA A 44 -7.13 -2.14 -13.09
N ARG A 45 -7.71 -1.56 -12.06
CA ARG A 45 -9.17 -1.38 -12.06
C ARG A 45 -9.69 -0.63 -13.29
N ALA A 47 -8.13 -0.21 -16.19
CA ALA A 47 -7.94 -1.00 -17.39
C ALA A 47 -9.10 -2.04 -17.54
N GLU A 48 -9.49 -2.69 -16.45
CA GLU A 48 -10.59 -3.71 -16.49
C GLU A 48 -11.95 -3.08 -16.81
N GLU A 49 -12.23 -1.88 -16.28
CA GLU A 49 -13.51 -1.20 -16.61
C GLU A 49 -13.63 -0.88 -18.10
N LYS A 50 -12.50 -0.86 -18.79
CA LYS A 50 -12.41 -0.57 -20.22
C LYS A 50 -12.12 -1.78 -21.08
N GLY A 51 -12.00 -2.95 -20.46
CA GLY A 51 -11.92 -4.26 -21.15
C GLY A 51 -10.52 -4.60 -21.63
N ARG A 52 -9.50 -4.01 -20.99
CA ARG A 52 -8.08 -4.13 -21.41
C ARG A 52 -7.29 -4.89 -20.37
N GLN A 53 -6.18 -5.47 -20.80
CA GLN A 53 -5.24 -6.18 -19.92
C GLN A 53 -4.13 -5.24 -19.50
N LEU A 54 -3.85 -5.12 -18.19
CA LEU A 54 -2.63 -4.44 -17.72
C LEU A 54 -1.46 -5.43 -17.53
N LEU A 55 -0.30 -5.02 -18.03
CA LEU A 55 0.93 -5.74 -17.86
C LEU A 55 1.98 -4.76 -17.34
N LEU A 56 2.73 -5.13 -16.29
CA LEU A 56 3.73 -4.20 -15.77
C LEU A 56 5.11 -4.79 -15.95
N ALA A 57 6.06 -3.95 -16.33
CA ALA A 57 7.50 -4.28 -16.39
C ALA A 57 8.34 -3.40 -15.45
N ASP A 58 9.47 -3.92 -15.01
CA ASP A 58 10.28 -3.27 -14.03
C ASP A 58 11.36 -2.41 -14.72
N GLY A 59 11.33 -1.11 -14.49
CA GLY A 59 12.32 -0.19 -15.08
C GLY A 59 13.70 -0.27 -14.44
N LYS A 60 13.79 -0.97 -13.31
CA LYS A 60 15.08 -1.33 -12.67
C LYS A 60 15.87 -0.10 -12.21
N HIS A 61 17.15 0.03 -12.56
CA HIS A 61 17.96 1.05 -11.89
C HIS A 61 18.81 1.90 -12.85
N SER A 62 18.29 2.20 -14.03
CA SER A 62 19.01 2.97 -15.05
C SER A 62 18.05 3.41 -16.15
N ALA A 63 18.42 4.48 -16.85
CA ALA A 63 17.71 5.00 -18.02
C ALA A 63 17.67 3.91 -19.09
N GLU A 64 18.82 3.30 -19.39
CA GLU A 64 18.86 2.15 -20.31
C GLU A 64 17.87 1.00 -19.98
N GLU A 65 17.74 0.66 -18.70
CA GLU A 65 16.81 -0.39 -18.32
C GLU A 65 15.32 0.03 -18.43
N GLU A 66 15.05 1.32 -18.25
CA GLU A 66 13.67 1.80 -18.32
C GLU A 66 13.28 1.80 -19.79
N ARG A 67 14.18 2.35 -20.61
CA ARG A 67 14.07 2.24 -22.07
C ARG A 67 13.87 0.82 -22.59
N GLN A 68 14.71 -0.12 -22.13
CA GLN A 68 14.57 -1.52 -22.47
C GLN A 68 13.23 -2.13 -22.01
N ALA A 69 12.72 -1.62 -20.89
CA ALA A 69 11.39 -2.08 -20.35
C ALA A 69 10.28 -1.75 -21.32
N ILE A 70 10.29 -0.49 -21.77
CA ILE A 70 9.35 -0.05 -22.79
C ILE A 70 9.43 -0.89 -24.07
N GLN A 71 10.64 -1.08 -24.62
CA GLN A 71 10.81 -1.89 -25.81
C GLN A 71 10.33 -3.34 -25.60
N TYR A 72 10.63 -3.89 -24.42
CA TYR A 72 10.25 -5.25 -24.08
C TYR A 72 8.76 -5.37 -24.24
N LEU A 73 8.00 -4.54 -23.53
CA LEU A 73 6.52 -4.53 -23.61
C LEU A 73 5.93 -4.36 -25.01
N LEU A 74 6.50 -3.45 -25.78
CA LEU A 74 6.19 -3.32 -27.22
C LEU A 74 6.41 -4.59 -28.04
N ASP A 75 7.54 -5.26 -27.81
CA ASP A 75 7.86 -6.47 -28.55
C ASP A 75 6.97 -7.64 -28.08
N LEU A 76 6.37 -7.51 -26.90
CA LEU A 76 5.35 -8.45 -26.43
C LEU A 76 4.00 -8.02 -26.95
N ARG A 77 4.01 -6.99 -27.79
CA ARG A 77 2.79 -6.51 -28.49
C ARG A 77 1.74 -5.83 -27.57
N CYS A 78 2.20 -5.16 -26.52
CA CYS A 78 1.35 -4.20 -25.83
C CYS A 78 0.95 -3.15 -26.83
N ASP A 79 -0.27 -2.68 -26.69
CA ASP A 79 -0.82 -1.75 -27.64
C ASP A 79 -0.47 -0.29 -27.32
N ALA A 80 -0.21 -0.01 -26.05
CA ALA A 80 0.11 1.34 -25.58
C ALA A 80 0.90 1.18 -24.27
N ILE A 81 1.73 2.18 -23.99
CA ILE A 81 2.59 2.15 -22.81
C ILE A 81 2.41 3.37 -21.92
N ILE A 83 4.67 4.96 -18.77
CA ILE A 83 5.87 4.90 -17.90
C ILE A 83 5.87 5.89 -16.75
N TYR A 84 6.36 5.44 -15.62
CA TYR A 84 6.57 6.28 -14.47
C TYR A 84 8.11 6.30 -14.25
N PRO A 85 8.77 7.25 -14.90
CA PRO A 85 10.21 7.24 -15.03
C PRO A 85 10.88 7.75 -13.77
N ARG A 86 12.08 7.23 -13.52
CA ARG A 86 12.97 7.74 -12.52
C ARG A 86 14.32 8.16 -13.10
N PHE A 87 14.74 7.51 -14.17
CA PHE A 87 16.11 7.68 -14.63
C PHE A 87 16.21 8.35 -15.99
N LEU A 88 15.28 7.97 -16.86
CA LEU A 88 15.14 8.56 -18.19
C LEU A 88 14.78 10.04 -18.08
N SER A 89 15.44 10.89 -18.87
CA SER A 89 15.12 12.31 -18.93
C SER A 89 13.98 12.58 -19.93
N VAL A 90 13.46 13.81 -19.95
CA VAL A 90 12.35 14.11 -20.85
C VAL A 90 12.84 14.11 -22.29
N ASP A 91 14.05 14.61 -22.55
CA ASP A 91 14.61 14.59 -23.90
C ASP A 91 14.52 13.15 -24.38
N GLU A 92 15.12 12.25 -23.60
CA GLU A 92 15.06 10.81 -23.83
C GLU A 92 13.66 10.23 -24.05
N ILE A 93 12.70 10.67 -23.23
CA ILE A 93 11.32 10.20 -23.34
C ILE A 93 10.61 10.74 -24.59
N ASP A 94 10.85 12.00 -24.93
CA ASP A 94 10.24 12.59 -26.14
C ASP A 94 10.70 11.88 -27.38
N ASP A 95 11.98 11.50 -27.40
CA ASP A 95 12.55 10.73 -28.50
C ASP A 95 12.01 9.28 -28.60
N ILE A 96 11.83 8.62 -27.46
CA ILE A 96 11.15 7.32 -27.48
C ILE A 96 9.76 7.45 -28.08
N ILE A 97 9.04 8.51 -27.70
CA ILE A 97 7.71 8.79 -28.23
C ILE A 97 7.73 8.95 -29.76
N ASP A 98 8.72 9.67 -30.27
CA ASP A 98 8.83 9.97 -31.72
C ASP A 98 9.16 8.73 -32.54
N ALA A 99 9.91 7.79 -31.94
CA ALA A 99 10.32 6.54 -32.58
C ALA A 99 9.27 5.42 -32.63
N HIS A 100 8.08 5.65 -32.08
CA HIS A 100 7.05 4.61 -32.05
C HIS A 100 5.70 5.14 -32.42
N SER A 101 4.92 4.32 -33.09
CA SER A 101 3.55 4.68 -33.46
C SER A 101 2.56 4.30 -32.35
N GLN A 102 2.90 3.29 -31.54
CA GLN A 102 2.09 2.99 -30.37
C GLN A 102 2.06 4.20 -29.39
N PRO A 103 0.86 4.54 -28.85
CA PRO A 103 0.71 5.53 -27.79
C PRO A 103 1.64 5.26 -26.61
N ILE A 104 2.46 6.25 -26.27
CA ILE A 104 3.36 6.13 -25.14
C ILE A 104 3.16 7.39 -24.32
N VAL A 106 3.48 9.31 -20.11
CA VAL A 106 4.37 9.41 -18.97
C VAL A 106 3.56 9.93 -17.81
N LEU A 107 3.69 9.30 -16.67
CA LEU A 107 3.01 9.76 -15.48
C LEU A 107 4.02 10.43 -14.57
N ASN A 108 3.65 11.61 -14.05
CA ASN A 108 4.41 12.40 -13.06
C ASN A 108 5.65 13.10 -13.56
N ARG A 109 5.66 13.37 -14.85
CA ARG A 109 6.78 14.04 -15.44
C ARG A 109 6.17 14.88 -16.53
N ARG A 110 6.75 16.06 -16.71
CA ARG A 110 6.28 17.06 -17.65
C ARG A 110 7.18 16.94 -18.87
N LEU A 111 6.57 16.67 -20.03
CA LEU A 111 7.33 16.62 -21.29
C LEU A 111 7.35 17.98 -21.97
N ARG A 112 8.45 18.27 -22.67
CA ARG A 112 8.61 19.53 -23.40
C ARG A 112 7.97 19.56 -24.81
N LYS A 113 8.32 18.63 -25.68
CA LYS A 113 7.66 18.49 -27.00
C LYS A 113 6.26 17.86 -26.92
N ASN A 114 6.21 16.60 -26.47
CA ASN A 114 4.96 15.86 -26.43
C ASN A 114 4.23 16.06 -25.09
N SER A 115 4.15 17.31 -24.63
CA SER A 115 3.46 17.64 -23.38
C SER A 115 2.07 17.01 -23.32
N SER A 116 1.41 16.81 -24.46
CA SER A 116 0.09 16.19 -24.45
C SER A 116 0.14 14.72 -24.04
N HIS A 117 1.34 14.14 -24.03
CA HIS A 117 1.54 12.71 -23.70
C HIS A 117 1.86 12.53 -22.22
N SER A 118 1.67 13.60 -21.45
CA SER A 118 2.09 13.72 -20.05
C SER A 118 0.89 13.90 -19.12
N VAL A 119 0.89 13.19 -17.98
CA VAL A 119 -0.07 13.47 -16.91
C VAL A 119 0.74 13.74 -15.64
N TRP A 120 0.59 14.94 -15.10
CA TRP A 120 1.51 15.39 -14.03
C TRP A 120 0.79 16.35 -13.07
N CYS A 121 1.18 16.39 -11.79
CA CYS A 121 0.58 17.30 -10.76
C CYS A 121 1.67 18.31 -10.43
N ASP A 122 1.31 19.58 -10.26
CA ASP A 122 2.31 20.59 -9.85
C ASP A 122 2.50 20.55 -8.34
N HIS A 123 3.40 19.68 -7.92
CA HIS A 123 3.61 19.42 -6.49
C HIS A 123 4.15 20.65 -5.74
N LYS A 124 4.95 21.44 -6.43
CA LYS A 124 5.47 22.66 -5.82
C LYS A 124 4.36 23.67 -5.57
N GLN A 125 3.47 23.83 -6.54
CA GLN A 125 2.32 24.69 -6.37
C GLN A 125 1.34 24.20 -5.30
N THR A 126 1.01 22.90 -5.25
CA THR A 126 0.02 22.53 -4.21
C THR A 126 0.62 22.61 -2.81
N SER A 127 1.93 22.40 -2.74
CA SER A 127 2.60 22.58 -1.48
C SER A 127 2.50 24.03 -1.06
N PHE A 128 2.84 24.94 -1.99
CA PHE A 128 2.74 26.39 -1.79
C PHE A 128 1.38 26.73 -1.22
N ASN A 129 0.33 26.33 -1.93
CA ASN A 129 -1.03 26.64 -1.54
C ASN A 129 -1.45 26.10 -0.15
N ALA A 130 -0.89 24.97 0.26
CA ALA A 130 -1.27 24.41 1.56
C ALA A 130 -0.62 25.21 2.71
N VAL A 131 0.68 25.48 2.56
CA VAL A 131 1.43 26.31 3.49
C VAL A 131 0.82 27.73 3.56
N ALA A 132 0.40 28.27 2.42
CA ALA A 132 -0.27 29.57 2.38
C ALA A 132 -1.57 29.56 3.16
N GLU A 133 -2.29 28.43 3.12
CA GLU A 133 -3.52 28.31 3.87
C GLU A 133 -3.24 28.28 5.37
N LEU A 134 -2.02 27.87 5.72
CA LEU A 134 -1.60 27.88 7.13
C LEU A 134 -1.28 29.31 7.57
N ILE A 135 -0.56 30.05 6.73
CA ILE A 135 -0.22 31.43 7.02
C ILE A 135 -1.47 32.28 7.21
N ASN A 136 -2.40 32.18 6.28
CA ASN A 136 -3.66 32.94 6.32
C ASN A 136 -4.57 32.60 7.49
N ALA A 137 -4.40 31.40 8.05
CA ALA A 137 -5.18 30.98 9.23
C ALA A 137 -4.51 31.49 10.51
N GLY A 138 -3.32 32.07 10.36
CA GLY A 138 -2.62 32.70 11.47
C GLY A 138 -1.26 32.14 11.87
N HIS A 139 -0.76 31.12 11.17
CA HIS A 139 0.54 30.56 11.54
C HIS A 139 1.63 31.39 10.94
N GLN A 140 2.73 31.55 11.67
CA GLN A 140 3.90 32.29 11.20
C GLN A 140 5.17 31.47 11.35
N GLU A 141 5.23 30.62 12.37
CA GLU A 141 6.39 29.75 12.57
C GLU A 141 5.95 28.33 12.21
N ILE A 142 6.36 27.90 11.02
CA ILE A 142 5.92 26.61 10.44
C ILE A 142 7.12 25.70 10.20
N ALA A 143 7.12 24.52 10.83
CA ALA A 143 8.15 23.50 10.62
C ALA A 143 7.81 22.63 9.41
N PHE A 144 8.84 22.05 8.79
CA PHE A 144 8.71 21.26 7.58
C PHE A 144 9.57 20.00 7.58
N LEU A 145 8.96 18.84 7.36
CA LEU A 145 9.68 17.57 7.21
C LEU A 145 9.66 17.12 5.78
N THR A 146 10.84 16.90 5.22
CA THR A 146 11.00 16.59 3.81
C THR A 146 10.88 15.10 3.64
N GLY A 147 10.59 14.66 2.42
CA GLY A 147 10.74 13.27 2.04
C GLY A 147 12.17 13.08 1.57
N SER A 148 12.46 11.95 0.92
CA SER A 148 13.84 11.68 0.50
C SER A 148 14.29 12.64 -0.61
N ASP A 150 16.30 12.63 -3.01
CA ASP A 150 16.47 12.16 -4.38
C ASP A 150 15.15 12.17 -5.16
N SER A 151 14.03 12.34 -4.45
CA SER A 151 12.70 12.41 -5.06
C SER A 151 12.36 13.82 -5.52
N PRO A 152 12.01 14.00 -6.81
CA PRO A 152 11.56 15.31 -7.30
C PRO A 152 10.35 15.87 -6.53
N THR A 153 9.42 14.98 -6.17
CA THR A 153 8.24 15.37 -5.41
C THR A 153 8.68 15.95 -4.09
N SER A 154 9.61 15.27 -3.42
CA SER A 154 10.21 15.84 -2.20
C SER A 154 10.82 17.22 -2.40
N ILE A 155 11.49 17.41 -3.54
CA ILE A 155 12.19 18.68 -3.83
C ILE A 155 11.13 19.76 -3.98
N GLU A 156 10.12 19.46 -4.78
CA GLU A 156 9.10 20.43 -5.12
C GLU A 156 8.25 20.88 -3.94
N ARG A 157 7.97 19.98 -3.00
CA ARG A 157 7.22 20.32 -1.78
C ARG A 157 8.01 21.26 -0.85
N LEU A 158 9.28 20.92 -0.60
CA LEU A 158 10.17 21.85 0.07
C LEU A 158 10.16 23.23 -0.58
N ALA A 159 10.42 23.24 -1.88
CA ALA A 159 10.39 24.42 -2.72
C ALA A 159 9.13 25.27 -2.58
N GLY A 160 7.98 24.59 -2.50
CA GLY A 160 6.70 25.29 -2.39
C GLY A 160 6.51 25.89 -1.00
N TYR A 161 7.12 25.22 -0.03
CA TYR A 161 7.08 25.69 1.36
C TYR A 161 7.93 26.95 1.53
N LYS A 162 9.17 26.92 1.05
CA LYS A 162 10.09 28.10 1.05
C LYS A 162 9.56 29.28 0.28
N ASP A 163 8.82 29.01 -0.80
CA ASP A 163 8.19 30.06 -1.58
C ASP A 163 7.05 30.75 -0.85
N ALA A 164 6.16 29.97 -0.23
CA ALA A 164 5.05 30.53 0.52
C ALA A 164 5.53 31.41 1.67
N LEU A 165 6.63 31.02 2.31
CA LEU A 165 7.20 31.79 3.42
C LEU A 165 7.72 33.10 2.88
N ALA A 166 8.74 33.01 2.03
CA ALA A 166 9.40 34.15 1.39
C ALA A 166 8.42 35.18 0.86
N GLN A 167 7.27 34.69 0.41
CA GLN A 167 6.26 35.53 -0.21
C GLN A 167 5.18 36.08 0.70
N HIS A 168 5.33 35.95 2.01
CA HIS A 168 4.22 36.31 2.92
C HIS A 168 4.37 37.47 3.94
N GLY A 169 5.57 38.04 4.13
CA GLY A 169 6.84 37.58 3.59
C GLY A 169 7.66 37.15 4.79
N ILE A 170 7.32 35.97 5.29
CA ILE A 170 8.05 35.33 6.38
C ILE A 170 9.42 34.89 5.89
N ALA A 171 10.43 35.05 6.73
CA ALA A 171 11.78 34.75 6.28
C ALA A 171 12.19 33.32 6.64
N LEU A 172 12.65 32.60 5.63
CA LEU A 172 13.14 31.24 5.78
C LEU A 172 14.06 31.05 6.99
N ASN A 173 13.71 30.09 7.85
CA ASN A 173 14.60 29.58 8.87
C ASN A 173 14.91 28.10 8.72
N GLU A 174 16.18 27.80 8.42
CA GLU A 174 16.61 26.42 8.18
C GLU A 174 16.57 25.56 9.43
N LYS A 175 16.30 26.16 10.60
CA LYS A 175 16.13 25.37 11.83
C LYS A 175 14.74 24.74 11.96
N LEU A 176 13.76 25.35 11.29
CA LEU A 176 12.41 24.81 11.20
C LEU A 176 12.24 23.65 10.20
N ILE A 177 13.35 23.21 9.61
CA ILE A 177 13.32 22.23 8.53
C ILE A 177 14.18 21.02 8.87
N ALA A 178 13.57 19.83 8.81
CA ALA A 178 14.29 18.56 9.00
C ALA A 178 14.17 17.62 7.79
N ASN A 179 15.15 16.76 7.63
CA ASN A 179 15.13 15.80 6.54
C ASN A 179 14.49 14.47 6.92
N GLY A 180 13.50 14.05 6.14
CA GLY A 180 12.92 12.75 6.37
C GLY A 180 13.12 11.81 5.20
N LYS A 181 12.49 10.63 5.29
CA LYS A 181 12.69 9.59 4.31
C LYS A 181 11.38 8.92 3.88
N TRP A 182 10.23 9.56 4.16
CA TRP A 182 8.89 9.10 3.74
C TRP A 182 8.26 8.09 4.70
N THR A 183 9.05 7.62 5.68
CA THR A 183 8.65 6.61 6.65
C THR A 183 8.09 7.27 7.93
N PRO A 184 7.17 6.57 8.62
CA PRO A 184 6.70 7.05 9.93
C PRO A 184 7.85 7.23 10.94
N ALA A 185 8.82 6.30 10.95
CA ALA A 185 9.93 6.41 11.91
C ALA A 185 10.69 7.70 11.63
N SER A 186 10.88 8.02 10.36
CA SER A 186 11.60 9.25 10.00
C SER A 186 10.82 10.52 10.38
N GLY A 187 9.48 10.42 10.47
CA GLY A 187 8.68 11.57 10.94
C GLY A 187 8.87 11.87 12.43
N ALA A 188 8.92 10.79 13.22
CA ALA A 188 9.15 10.86 14.64
C ALA A 188 10.58 11.38 14.90
N GLU A 189 11.55 10.83 14.16
CA GLU A 189 12.95 11.28 14.26
C GLU A 189 13.08 12.77 13.92
N GLY A 190 12.48 13.19 12.80
CA GLY A 190 12.48 14.61 12.41
C GLY A 190 11.95 15.56 13.49
N VAL A 191 10.84 15.19 14.13
CA VAL A 191 10.27 15.98 15.22
C VAL A 191 11.21 16.00 16.42
N GLU A 192 11.75 14.84 16.80
CA GLU A 192 12.76 14.76 17.84
C GLU A 192 13.92 15.74 17.59
N LEU A 194 13.78 18.52 15.54
CA LEU A 194 13.19 19.86 15.65
C LEU A 194 13.03 20.37 17.08
N LEU A 195 12.62 19.48 17.98
CA LEU A 195 12.38 19.82 19.38
C LEU A 195 13.63 20.24 20.13
N GLU A 196 14.78 19.74 19.73
CA GLU A 196 16.04 20.19 20.34
C GLU A 196 16.61 21.48 19.71
N ARG A 197 15.71 22.33 19.20
CA ARG A 197 16.05 23.67 18.68
C ARG A 197 14.84 24.61 18.79
N LYS A 200 10.85 26.43 17.83
CA LYS A 200 9.56 27.07 18.18
C LYS A 200 8.67 27.29 16.95
N PHE A 201 7.49 26.64 16.94
CA PHE A 201 6.57 26.65 15.79
C PHE A 201 5.16 26.24 16.21
N SER A 202 4.15 26.75 15.52
CA SER A 202 2.76 26.41 15.84
C SER A 202 2.15 25.36 14.88
N ALA A 203 2.78 25.13 13.74
CA ALA A 203 2.28 24.18 12.75
C ALA A 203 3.46 23.39 12.26
N LEU A 204 3.23 22.15 11.86
CA LEU A 204 4.28 21.34 11.27
C LEU A 204 3.72 20.78 9.96
N VAL A 205 4.50 20.93 8.89
CA VAL A 205 4.13 20.37 7.59
C VAL A 205 5.00 19.18 7.26
N ALA A 206 4.36 18.01 7.20
CA ALA A 206 5.04 16.74 6.84
C ALA A 206 4.81 16.45 5.36
N SER A 207 5.84 15.98 4.62
CA SER A 207 5.73 15.74 3.16
C SER A 207 4.87 14.59 2.73
N ASN A 208 4.58 13.68 3.65
CA ASN A 208 3.47 12.74 3.48
C ASN A 208 2.73 12.44 4.80
N ASP A 209 1.59 11.79 4.69
CA ASP A 209 0.87 11.37 5.86
C ASP A 209 1.71 10.47 6.76
N ASP A 210 2.42 9.49 6.20
CA ASP A 210 3.16 8.53 7.02
C ASP A 210 4.07 9.26 8.01
N ALA A 212 3.75 12.45 8.86
CA ALA A 212 2.84 13.22 9.75
C ALA A 212 2.43 12.38 10.94
N ILE A 213 2.06 11.13 10.68
CA ILE A 213 1.66 10.23 11.76
C ILE A 213 2.81 9.91 12.76
N GLY A 214 4.01 9.64 12.26
CA GLY A 214 5.15 9.45 13.16
C GLY A 214 5.43 10.75 13.91
N ALA A 215 5.27 11.90 13.24
CA ALA A 215 5.50 13.19 13.89
C ALA A 215 4.49 13.44 15.04
N LYS A 217 3.01 11.18 16.78
CA LYS A 217 3.39 10.22 17.82
C LYS A 217 4.51 10.82 18.69
N ALA A 218 5.54 11.38 18.04
CA ALA A 218 6.65 11.98 18.81
C ALA A 218 6.20 13.20 19.59
N LEU A 219 5.26 13.97 19.04
CA LEU A 219 4.71 15.12 19.77
C LEU A 219 3.95 14.66 21.01
N HIS A 220 3.07 13.67 20.82
CA HIS A 220 2.33 13.10 21.93
C HIS A 220 3.26 12.57 23.03
N GLU A 221 4.30 11.82 22.63
CA GLU A 221 5.28 11.27 23.55
C GLU A 221 5.92 12.36 24.41
N ARG A 222 6.30 13.48 23.79
CA ARG A 222 6.86 14.62 24.49
C ARG A 222 5.81 15.41 25.26
N GLY A 223 4.55 15.05 25.09
CA GLY A 223 3.48 15.83 25.70
C GLY A 223 3.43 17.21 25.05
N VAL A 224 3.51 17.26 23.73
CA VAL A 224 3.19 18.50 23.00
C VAL A 224 1.82 18.28 22.40
N ALA A 225 0.89 19.17 22.74
CA ALA A 225 -0.51 19.07 22.33
C ALA A 225 -0.71 19.44 20.86
N VAL A 226 -1.44 18.56 20.17
CA VAL A 226 -1.78 18.68 18.76
C VAL A 226 -3.29 18.65 18.71
N PRO A 227 -3.92 19.71 18.17
CA PRO A 227 -3.36 20.87 17.53
C PRO A 227 -3.11 22.10 18.41
N GLU A 228 -3.51 22.06 19.68
CA GLU A 228 -3.45 23.21 20.55
C GLU A 228 -2.07 23.90 20.60
N GLN A 229 -1.00 23.13 20.72
CA GLN A 229 0.36 23.66 20.63
C GLN A 229 0.93 23.60 19.21
N VAL A 230 0.89 22.41 18.61
CA VAL A 230 1.38 22.23 17.23
C VAL A 230 0.31 21.63 16.32
N SER A 231 -0.05 22.37 15.28
CA SER A 231 -0.92 21.87 14.22
C SER A 231 -0.11 21.04 13.22
N VAL A 232 -0.72 19.98 12.68
CA VAL A 232 0.02 19.06 11.80
C VAL A 232 -0.78 18.82 10.54
N ILE A 233 -0.12 18.94 9.39
CA ILE A 233 -0.74 18.48 8.13
C ILE A 233 0.24 17.55 7.43
N GLY A 234 -0.30 16.66 6.61
CA GLY A 234 0.50 15.82 5.73
C GLY A 234 0.00 15.99 4.29
N PHE A 235 0.59 15.22 3.38
CA PHE A 235 0.16 15.14 1.96
C PHE A 235 -0.17 13.66 1.68
N ASP A 236 -1.18 13.41 0.87
CA ASP A 236 -1.65 12.04 0.47
C ASP A 236 -3.09 11.78 0.82
N ASP A 237 -3.56 12.32 1.93
CA ASP A 237 -4.93 12.03 2.40
C ASP A 237 -5.22 10.52 2.40
N ILE A 238 -4.40 9.73 3.09
CA ILE A 238 -4.51 8.27 3.02
C ILE A 238 -5.83 7.82 3.70
N ALA A 239 -6.33 6.64 3.36
CA ALA A 239 -7.56 6.12 4.01
C ALA A 239 -7.58 6.23 5.54
N ILE A 240 -6.43 6.05 6.23
CA ILE A 240 -6.45 6.11 7.72
C ILE A 240 -6.51 7.50 8.34
N ALA A 241 -6.22 8.49 7.53
CA ALA A 241 -6.13 9.89 8.03
C ALA A 241 -7.31 10.29 8.94
N PRO A 242 -8.58 10.04 8.53
CA PRO A 242 -9.66 10.48 9.43
C PRO A 242 -9.73 9.70 10.72
N TYR A 243 -8.97 8.61 10.85
CA TYR A 243 -9.06 7.67 11.99
C TYR A 243 -7.83 7.77 12.89
N THR A 244 -6.95 8.73 12.62
CA THR A 244 -5.86 8.92 13.56
C THR A 244 -6.35 9.73 14.79
N VAL A 245 -5.53 9.77 15.86
CA VAL A 245 -5.82 10.56 17.05
C VAL A 245 -4.70 11.61 17.28
N PRO A 246 -4.97 12.90 16.98
CA PRO A 246 -6.16 13.51 16.42
C PRO A 246 -6.25 13.15 14.92
N ALA A 247 -7.41 13.33 14.31
CA ALA A 247 -7.59 13.06 12.89
C ALA A 247 -6.69 13.96 12.01
N LEU A 248 -6.03 13.35 11.03
CA LEU A 248 -4.92 14.00 10.36
C LEU A 248 -5.41 14.86 9.22
N SER A 249 -5.08 16.15 9.29
CA SER A 249 -5.31 17.06 8.19
C SER A 249 -4.31 16.74 7.08
N SER A 250 -4.78 16.72 5.84
CA SER A 250 -3.94 16.30 4.74
C SER A 250 -4.30 16.89 3.38
N VAL A 251 -3.26 17.07 2.56
CA VAL A 251 -3.45 17.56 1.21
C VAL A 251 -3.76 16.36 0.34
N LYS A 252 -5.00 16.33 -0.15
CA LYS A 252 -5.40 15.32 -1.12
C LYS A 252 -4.90 15.53 -2.57
N ILE A 253 -3.94 14.73 -3.03
CA ILE A 253 -3.55 14.67 -4.47
C ILE A 253 -4.55 13.83 -5.27
N PRO A 254 -4.97 14.29 -6.49
CA PRO A 254 -5.97 13.48 -7.21
C PRO A 254 -5.29 12.36 -8.00
N VAL A 255 -4.62 11.46 -7.29
CA VAL A 255 -4.02 10.27 -7.86
C VAL A 255 -5.01 9.48 -8.69
N THR A 256 -6.20 9.19 -8.14
CA THR A 256 -7.18 8.36 -8.85
C THR A 256 -7.58 9.00 -10.18
N GLU A 257 -7.87 10.29 -10.11
CA GLU A 257 -8.24 11.04 -11.30
C GLU A 257 -7.09 11.07 -12.32
N ILE A 259 -4.72 8.74 -12.78
CA ILE A 259 -4.66 7.41 -13.37
C ILE A 259 -5.77 7.21 -14.38
N GLN A 260 -6.98 7.63 -14.03
CA GLN A 260 -8.10 7.56 -14.93
C GLN A 260 -7.82 8.32 -16.21
N GLU A 261 -7.19 9.49 -16.03
CA GLU A 261 -6.81 10.33 -17.16
C GLU A 261 -5.81 9.67 -18.08
N ILE A 262 -4.74 9.13 -17.53
CA ILE A 262 -3.71 8.53 -18.38
C ILE A 262 -4.22 7.27 -19.11
N ILE A 263 -4.97 6.41 -18.40
CA ILE A 263 -5.52 5.20 -19.00
C ILE A 263 -6.55 5.60 -20.04
N GLY A 264 -7.49 6.45 -19.63
CA GLY A 264 -8.47 7.03 -20.55
C GLY A 264 -7.83 7.62 -21.81
N ARG A 265 -6.81 8.49 -21.68
CA ARG A 265 -6.16 9.04 -22.88
C ARG A 265 -5.48 7.98 -23.76
N LEU A 266 -4.75 7.02 -23.17
CA LEU A 266 -4.14 5.93 -23.98
C LEU A 266 -5.19 5.17 -24.82
N ILE A 267 -6.25 4.73 -24.15
CA ILE A 267 -7.35 4.01 -24.80
C ILE A 267 -8.04 4.88 -25.83
N PHE A 268 -8.14 6.19 -25.56
CA PHE A 268 -8.65 7.12 -26.57
C PHE A 268 -7.81 7.04 -27.84
N LEU A 270 -5.84 4.53 -28.75
CA LEU A 270 -6.09 3.21 -29.30
C LEU A 270 -7.42 3.15 -30.03
N ASP A 271 -8.47 3.71 -29.42
CA ASP A 271 -9.84 3.68 -29.98
C ASP A 271 -9.95 4.53 -31.25
N GLY A 272 -8.87 5.20 -31.62
CA GLY A 272 -8.82 5.93 -32.89
C GLY A 272 -8.80 7.44 -32.71
N GLY A 273 -9.30 7.90 -31.55
CA GLY A 273 -9.18 9.29 -31.12
C GLY A 273 -7.78 9.86 -31.35
N ASP A 274 -7.46 10.95 -30.68
CA ASP A 274 -6.13 11.53 -30.81
C ASP A 274 -5.74 12.34 -29.57
N PHE A 275 -4.53 12.90 -29.58
CA PHE A 275 -4.01 13.58 -28.41
C PHE A 275 -4.64 14.94 -28.17
N SER A 276 -4.47 15.44 -26.95
CA SER A 276 -5.27 16.53 -26.41
C SER A 276 -4.33 17.30 -25.49
N PRO A 277 -4.54 18.61 -25.32
CA PRO A 277 -3.74 19.31 -24.31
C PRO A 277 -3.92 18.66 -22.92
N PRO A 278 -2.84 18.60 -22.11
CA PRO A 278 -2.88 17.99 -20.78
C PRO A 278 -3.82 18.70 -19.79
N LYS A 279 -4.61 17.92 -19.05
CA LYS A 279 -5.46 18.44 -17.97
C LYS A 279 -4.61 18.88 -16.76
N THR A 280 -5.02 19.94 -16.08
CA THR A 280 -4.33 20.40 -14.90
C THR A 280 -4.98 19.69 -13.71
N PHE A 281 -4.16 19.15 -12.81
CA PHE A 281 -4.64 18.57 -11.55
C PHE A 281 -4.04 19.33 -10.37
N SER A 282 -4.89 19.71 -9.42
CA SER A 282 -4.38 20.36 -8.22
C SER A 282 -4.74 19.58 -6.96
N GLY A 283 -3.91 19.73 -5.92
CA GLY A 283 -4.16 19.10 -4.62
C GLY A 283 -5.11 19.96 -3.84
N LYS A 284 -5.67 19.45 -2.75
CA LYS A 284 -6.52 20.29 -1.89
C LYS A 284 -6.35 19.90 -0.44
N LEU A 285 -6.15 20.91 0.40
CA LEU A 285 -6.02 20.70 1.84
C LEU A 285 -7.34 20.32 2.48
N ILE A 286 -7.33 19.22 3.21
CA ILE A 286 -8.49 18.79 3.96
C ILE A 286 -8.24 19.01 5.45
N ARG A 287 -9.02 19.90 6.05
CA ARG A 287 -8.85 20.31 7.41
C ARG A 287 -9.53 19.29 8.31
N ARG A 288 -8.80 18.78 9.28
CA ARG A 288 -9.32 17.84 10.26
C ARG A 288 -8.85 18.31 11.65
N ASP A 289 -9.26 17.58 12.68
CA ASP A 289 -8.91 17.91 14.09
C ASP A 289 -7.44 18.20 14.37
N SER A 290 -6.52 17.78 13.50
CA SER A 290 -5.11 18.01 13.78
C SER A 290 -4.62 19.44 13.45
N LEU A 291 -5.53 20.26 12.94
CA LEU A 291 -5.25 21.62 12.55
C LEU A 291 -6.26 22.57 13.23
N ILE A 292 -5.79 23.74 13.64
CA ILE A 292 -6.68 24.88 13.97
C ILE A 292 -6.12 26.19 13.39
N ALA A 293 -6.89 27.29 13.49
CA ALA A 293 -6.39 28.59 13.01
C ALA A 293 -5.62 29.36 14.08
N THR B 19 16.81 -14.00 -23.00
CA THR B 19 16.60 -13.70 -21.54
C THR B 19 15.45 -14.54 -20.98
N GLN B 20 15.50 -14.84 -19.69
CA GLN B 20 14.42 -15.56 -19.05
C GLN B 20 13.52 -14.58 -18.32
N THR B 21 12.22 -14.84 -18.36
CA THR B 21 11.28 -13.91 -17.78
C THR B 21 10.49 -14.62 -16.70
N LEU B 22 10.31 -13.98 -15.54
CA LEU B 22 9.45 -14.49 -14.47
C LEU B 22 8.11 -13.76 -14.49
N GLY B 23 7.05 -14.54 -14.58
CA GLY B 23 5.70 -13.99 -14.65
C GLY B 23 5.00 -14.02 -13.31
N LEU B 24 4.36 -12.90 -12.96
CA LEU B 24 3.58 -12.82 -11.72
C LEU B 24 2.13 -12.55 -12.05
N VAL B 25 1.20 -13.28 -11.41
CA VAL B 25 -0.25 -13.03 -11.62
C VAL B 25 -0.80 -12.69 -10.21
N VAL B 26 -1.43 -11.54 -10.06
CA VAL B 26 -1.94 -11.06 -8.76
C VAL B 26 -3.31 -10.42 -9.01
N THR B 27 -4.29 -10.84 -8.20
CA THR B 27 -5.66 -10.34 -8.26
C THR B 27 -5.73 -8.84 -7.90
N ASN B 28 -6.62 -8.12 -8.55
CA ASN B 28 -6.85 -6.70 -8.33
C ASN B 28 -7.78 -6.47 -7.12
N THR B 29 -7.28 -6.78 -5.94
CA THR B 29 -8.08 -6.60 -4.74
C THR B 29 -7.50 -5.43 -3.98
N LEU B 30 -8.32 -4.80 -3.16
CA LEU B 30 -7.89 -3.57 -2.49
C LEU B 30 -6.92 -3.98 -1.36
N TYR B 31 -7.20 -5.12 -0.74
CA TYR B 31 -6.35 -5.66 0.31
C TYR B 31 -5.75 -6.96 -0.18
N HIS B 32 -4.50 -7.21 0.24
CA HIS B 32 -3.87 -8.51 0.04
C HIS B 32 -3.30 -8.98 1.36
N GLY B 33 -3.59 -10.22 1.71
CA GLY B 33 -3.00 -10.91 2.86
C GLY B 33 -1.47 -10.91 2.87
N ILE B 34 -0.84 -10.93 1.69
CA ILE B 34 0.60 -10.75 1.61
C ILE B 34 0.79 -9.33 1.01
N TYR B 35 1.29 -8.39 1.80
CA TYR B 35 1.35 -6.99 1.31
C TYR B 35 1.89 -6.92 -0.12
N PHE B 36 1.12 -6.32 -1.02
CA PHE B 36 1.41 -6.42 -2.45
C PHE B 36 2.64 -5.57 -2.87
N SER B 37 2.76 -4.34 -2.38
CA SER B 37 3.90 -3.57 -2.88
C SER B 37 5.21 -4.16 -2.29
N GLU B 38 5.14 -4.65 -1.06
CA GLU B 38 6.24 -5.38 -0.43
C GLU B 38 6.59 -6.65 -1.20
N LEU B 39 5.57 -7.46 -1.56
CA LEU B 39 5.85 -8.68 -2.27
C LEU B 39 6.45 -8.37 -3.64
N LEU B 40 5.94 -7.32 -4.30
CA LEU B 40 6.38 -6.99 -5.65
C LEU B 40 7.82 -6.48 -5.60
N PHE B 41 8.09 -5.71 -4.57
CA PHE B 41 9.42 -5.13 -4.39
C PHE B 41 10.46 -6.23 -4.26
N HIS B 42 10.17 -7.23 -3.43
CA HIS B 42 11.14 -8.30 -3.22
C HIS B 42 11.21 -9.28 -4.38
N ALA B 43 10.08 -9.60 -5.00
CA ALA B 43 10.13 -10.31 -6.28
C ALA B 43 10.97 -9.60 -7.35
N ALA B 44 10.73 -8.31 -7.54
CA ALA B 44 11.45 -7.50 -8.57
C ALA B 44 12.91 -7.46 -8.25
N ARG B 45 13.24 -7.13 -7.01
CA ARG B 45 14.63 -7.17 -6.58
C ARG B 45 15.29 -8.55 -6.84
N ALA B 47 14.46 -11.08 -8.95
CA ALA B 47 14.59 -11.25 -10.39
C ALA B 47 15.72 -10.37 -10.93
N GLU B 48 15.75 -9.11 -10.54
CA GLU B 48 16.79 -8.18 -11.06
C GLU B 48 18.19 -8.74 -10.74
N GLU B 49 18.41 -9.13 -9.48
CA GLU B 49 19.74 -9.60 -9.07
C GLU B 49 20.13 -10.87 -9.82
N LYS B 50 19.17 -11.73 -10.10
CA LYS B 50 19.48 -12.96 -10.83
C LYS B 50 19.43 -12.86 -12.37
N GLY B 51 19.31 -11.64 -12.91
CA GLY B 51 19.37 -11.41 -14.36
C GLY B 51 18.15 -11.83 -15.14
N ARG B 52 17.01 -11.95 -14.45
CA ARG B 52 15.70 -12.21 -15.08
C ARG B 52 14.88 -10.94 -15.29
N GLN B 53 14.06 -10.94 -16.33
CA GLN B 53 13.03 -9.92 -16.52
C GLN B 53 11.79 -10.34 -15.75
N LEU B 54 11.10 -9.34 -15.23
CA LEU B 54 9.91 -9.55 -14.47
C LEU B 54 8.72 -9.01 -15.28
N LEU B 55 7.64 -9.78 -15.34
CA LEU B 55 6.36 -9.35 -15.92
C LEU B 55 5.24 -9.57 -14.89
N LEU B 56 4.43 -8.56 -14.60
CA LEU B 56 3.25 -8.82 -13.71
C LEU B 56 1.99 -8.62 -14.55
N ALA B 57 1.10 -9.61 -14.56
CA ALA B 57 -0.18 -9.46 -15.22
C ALA B 57 -1.30 -9.30 -14.18
N ASP B 58 -2.18 -8.34 -14.42
CA ASP B 58 -3.38 -8.18 -13.63
C ASP B 58 -4.18 -9.53 -13.70
N GLY B 59 -4.37 -10.17 -12.58
CA GLY B 59 -5.27 -11.36 -12.54
C GLY B 59 -6.73 -10.93 -12.43
N LYS B 60 -6.96 -9.60 -12.32
CA LYS B 60 -8.32 -9.00 -12.34
C LYS B 60 -9.12 -9.42 -11.15
N HIS B 61 -10.27 -10.08 -11.31
CA HIS B 61 -11.09 -10.20 -10.13
C HIS B 61 -12.06 -11.40 -10.12
N SER B 62 -11.61 -12.56 -10.61
CA SER B 62 -12.42 -13.80 -10.59
C SER B 62 -11.51 -15.00 -10.83
N ALA B 63 -11.98 -16.23 -10.57
CA ALA B 63 -11.16 -17.43 -10.87
C ALA B 63 -10.81 -17.51 -12.36
N GLU B 64 -11.83 -17.34 -13.21
CA GLU B 64 -11.65 -17.40 -14.65
C GLU B 64 -10.60 -16.42 -15.17
N GLU B 65 -10.58 -15.20 -14.65
CA GLU B 65 -9.61 -14.24 -15.14
C GLU B 65 -8.17 -14.52 -14.58
N GLU B 66 -8.08 -15.08 -13.37
CA GLU B 66 -6.79 -15.51 -12.83
C GLU B 66 -6.18 -16.56 -13.72
N ARG B 67 -6.98 -17.56 -14.11
CA ARG B 67 -6.57 -18.56 -15.07
C ARG B 67 -6.15 -17.98 -16.45
N GLN B 68 -6.94 -17.06 -17.00
CA GLN B 68 -6.61 -16.46 -18.27
C GLN B 68 -5.30 -15.66 -18.20
N ALA B 69 -5.04 -15.04 -17.06
CA ALA B 69 -3.80 -14.22 -16.89
C ALA B 69 -2.55 -15.11 -16.86
N ILE B 70 -2.70 -16.33 -16.30
CA ILE B 70 -1.64 -17.31 -16.30
C ILE B 70 -1.30 -17.69 -17.75
N GLN B 71 -2.31 -18.14 -18.50
CA GLN B 71 -2.14 -18.45 -19.94
C GLN B 71 -1.60 -17.31 -20.76
N TYR B 72 -2.11 -16.10 -20.52
CA TYR B 72 -1.60 -14.92 -21.17
C TYR B 72 -0.09 -14.85 -20.98
N LEU B 73 0.39 -14.95 -19.76
CA LEU B 73 1.84 -14.83 -19.53
C LEU B 73 2.68 -15.90 -20.19
N LEU B 74 2.19 -17.11 -20.19
CA LEU B 74 2.84 -18.18 -20.92
C LEU B 74 2.95 -17.92 -22.45
N ASP B 75 1.88 -17.33 -23.01
CA ASP B 75 1.82 -17.03 -24.42
C ASP B 75 2.72 -15.81 -24.68
N LEU B 76 3.16 -15.14 -23.62
CA LEU B 76 4.20 -14.12 -23.81
C LEU B 76 5.57 -14.77 -23.62
N ARG B 77 5.58 -16.09 -23.45
CA ARG B 77 6.81 -16.84 -23.18
C ARG B 77 7.51 -16.46 -21.88
N CYS B 78 6.74 -16.21 -20.82
CA CYS B 78 7.29 -16.36 -19.48
C CYS B 78 7.77 -17.79 -19.24
N ASP B 79 8.95 -17.91 -18.64
CA ASP B 79 9.60 -19.21 -18.40
C ASP B 79 9.14 -19.89 -17.10
N ALA B 80 8.69 -19.09 -16.13
CA ALA B 80 8.12 -19.56 -14.86
C ALA B 80 7.02 -18.61 -14.40
N ILE B 81 6.05 -19.14 -13.65
CA ILE B 81 4.95 -18.28 -13.16
C ILE B 81 4.81 -18.37 -11.62
N ILE B 83 1.77 -17.60 -9.17
CA ILE B 83 0.37 -17.14 -9.09
C ILE B 83 0.03 -16.79 -7.62
N TYR B 84 -0.46 -15.56 -7.38
CA TYR B 84 -1.08 -15.26 -6.10
C TYR B 84 -2.62 -15.05 -6.24
N PRO B 85 -3.42 -16.14 -6.12
CA PRO B 85 -4.81 -16.07 -6.46
C PRO B 85 -5.74 -15.87 -5.24
N ARG B 86 -6.77 -15.04 -5.41
CA ARG B 86 -7.82 -14.98 -4.41
C ARG B 86 -8.83 -16.06 -4.76
N PHE B 87 -9.23 -16.15 -6.04
CA PHE B 87 -10.44 -16.92 -6.41
C PHE B 87 -10.26 -18.39 -6.82
N LEU B 88 -9.17 -18.74 -7.50
CA LEU B 88 -9.02 -20.14 -7.96
C LEU B 88 -9.05 -21.10 -6.79
N SER B 89 -9.75 -22.22 -6.92
CA SER B 89 -9.74 -23.24 -5.87
C SER B 89 -8.40 -23.94 -5.92
N VAL B 90 -7.99 -24.50 -4.80
CA VAL B 90 -6.81 -25.42 -4.75
C VAL B 90 -6.72 -26.43 -5.92
N ASP B 91 -7.82 -27.15 -6.15
CA ASP B 91 -7.90 -28.10 -7.22
C ASP B 91 -7.72 -27.46 -8.57
N GLU B 92 -8.32 -26.29 -8.79
CA GLU B 92 -8.07 -25.57 -10.06
C GLU B 92 -6.59 -25.26 -10.23
N ILE B 93 -5.93 -24.84 -9.16
CA ILE B 93 -4.51 -24.57 -9.21
C ILE B 93 -3.72 -25.87 -9.50
N ASP B 94 -4.07 -27.00 -8.86
CA ASP B 94 -3.37 -28.25 -9.15
C ASP B 94 -3.53 -28.62 -10.65
N ASP B 95 -4.71 -28.37 -11.20
CA ASP B 95 -4.95 -28.73 -12.60
C ASP B 95 -4.11 -27.85 -13.50
N ILE B 96 -4.00 -26.57 -13.16
CA ILE B 96 -3.15 -25.70 -13.95
C ILE B 96 -1.73 -26.23 -13.99
N ILE B 97 -1.19 -26.58 -12.83
CA ILE B 97 0.22 -26.96 -12.71
C ILE B 97 0.52 -28.20 -13.53
N ASP B 98 -0.43 -29.15 -13.46
CA ASP B 98 -0.32 -30.42 -14.19
C ASP B 98 -0.41 -30.22 -15.72
N ALA B 99 -1.28 -29.29 -16.15
CA ALA B 99 -1.48 -28.99 -17.58
C ALA B 99 -0.33 -28.24 -18.25
N HIS B 100 0.74 -27.95 -17.52
CA HIS B 100 1.80 -27.12 -18.11
C HIS B 100 3.17 -27.61 -17.75
N SER B 101 4.10 -27.37 -18.67
CA SER B 101 5.46 -27.83 -18.48
C SER B 101 6.32 -26.82 -17.70
N GLN B 102 6.01 -25.54 -17.86
CA GLN B 102 6.79 -24.46 -17.24
C GLN B 102 6.62 -24.54 -15.70
N PRO B 103 7.64 -24.15 -14.95
CA PRO B 103 7.53 -24.12 -13.50
C PRO B 103 6.47 -23.09 -13.08
N ILE B 104 5.43 -23.56 -12.40
CA ILE B 104 4.35 -22.68 -11.86
C ILE B 104 4.26 -22.88 -10.36
N VAL B 106 2.55 -21.36 -6.48
CA VAL B 106 1.43 -20.62 -5.88
C VAL B 106 1.86 -20.04 -4.53
N LEU B 107 1.54 -18.78 -4.32
CA LEU B 107 1.73 -18.05 -3.07
C LEU B 107 0.40 -17.93 -2.30
N ASN B 108 0.42 -18.21 -0.99
CA ASN B 108 -0.71 -17.92 -0.08
C ASN B 108 -1.79 -18.99 -0.10
N ARG B 109 -1.55 -20.12 -0.77
CA ARG B 109 -2.54 -21.21 -0.81
C ARG B 109 -1.76 -22.53 -0.69
N ARG B 110 -2.28 -23.48 0.07
CA ARG B 110 -1.60 -24.80 0.24
C ARG B 110 -2.15 -25.84 -0.74
N LEU B 111 -1.32 -26.37 -1.63
CA LEU B 111 -1.80 -27.33 -2.61
C LEU B 111 -1.98 -28.76 -2.08
N ARG B 112 -2.91 -29.51 -2.71
CA ARG B 112 -3.22 -30.87 -2.28
C ARG B 112 -2.28 -31.87 -2.96
N LYS B 113 -2.32 -31.88 -4.29
CA LYS B 113 -1.43 -32.70 -5.09
C LYS B 113 0.00 -32.10 -5.16
N ASN B 114 0.18 -30.94 -5.81
CA ASN B 114 1.52 -30.37 -6.01
C ASN B 114 1.99 -29.46 -4.87
N SER B 115 2.10 -30.06 -3.68
CA SER B 115 2.37 -29.30 -2.44
C SER B 115 3.74 -28.62 -2.43
N SER B 116 4.71 -29.20 -3.13
CA SER B 116 6.04 -28.58 -3.28
C SER B 116 6.06 -27.30 -4.13
N HIS B 117 4.98 -27.07 -4.85
CA HIS B 117 4.77 -25.84 -5.65
C HIS B 117 4.10 -24.73 -4.83
N SER B 118 3.86 -24.91 -3.53
CA SER B 118 3.34 -23.78 -2.74
C SER B 118 4.22 -23.17 -1.68
N VAL B 119 4.11 -21.85 -1.58
CA VAL B 119 4.70 -21.15 -0.47
C VAL B 119 3.53 -20.53 0.30
N TRP B 120 3.36 -20.97 1.54
CA TRP B 120 2.20 -20.58 2.28
C TRP B 120 2.46 -20.30 3.77
N CYS B 121 1.59 -19.47 4.34
CA CYS B 121 1.67 -19.07 5.73
C CYS B 121 0.39 -19.57 6.33
N ASP B 122 0.48 -20.17 7.50
CA ASP B 122 -0.72 -20.77 8.11
C ASP B 122 -1.44 -19.63 8.83
N HIS B 123 -2.22 -18.83 8.10
CA HIS B 123 -3.04 -17.74 8.66
C HIS B 123 -4.01 -18.19 9.74
N LYS B 124 -4.64 -19.32 9.53
CA LYS B 124 -5.45 -19.87 10.59
C LYS B 124 -4.70 -20.00 11.92
N GLN B 125 -3.54 -20.65 11.88
CA GLN B 125 -2.73 -20.82 13.09
C GLN B 125 -2.31 -19.50 13.71
N THR B 126 -1.90 -18.54 12.86
CA THR B 126 -1.49 -17.22 13.40
C THR B 126 -2.63 -16.59 14.12
N SER B 127 -3.86 -16.76 13.60
CA SER B 127 -4.98 -16.13 14.27
C SER B 127 -5.26 -16.86 15.57
N PHE B 128 -5.31 -18.18 15.48
CA PHE B 128 -5.48 -19.02 16.68
C PHE B 128 -4.49 -18.57 17.74
N ASN B 129 -3.21 -18.36 17.34
CA ASN B 129 -2.16 -17.96 18.29
C ASN B 129 -2.37 -16.62 18.94
N ALA B 130 -2.82 -15.62 18.18
CA ALA B 130 -3.10 -14.27 18.72
C ALA B 130 -4.31 -14.30 19.69
N VAL B 131 -5.38 -14.97 19.30
CA VAL B 131 -6.53 -15.14 20.15
C VAL B 131 -6.19 -15.93 21.44
N ALA B 132 -5.42 -17.01 21.31
CA ALA B 132 -5.03 -17.86 22.46
C ALA B 132 -4.22 -17.05 23.47
N GLU B 133 -3.43 -16.12 22.96
CA GLU B 133 -2.66 -15.21 23.78
C GLU B 133 -3.55 -14.28 24.58
N LEU B 134 -4.63 -13.79 23.94
CA LEU B 134 -5.60 -13.00 24.65
C LEU B 134 -6.26 -13.83 25.71
N ILE B 135 -6.74 -15.03 25.37
CA ILE B 135 -7.41 -15.89 26.36
C ILE B 135 -6.51 -16.21 27.57
N ASN B 136 -5.25 -16.52 27.31
CA ASN B 136 -4.31 -16.83 28.41
C ASN B 136 -3.90 -15.60 29.22
N ALA B 137 -3.99 -14.40 28.62
CA ALA B 137 -3.87 -13.15 29.39
C ALA B 137 -5.15 -12.78 30.17
N GLY B 138 -6.16 -13.66 30.16
CA GLY B 138 -7.39 -13.43 30.90
C GLY B 138 -8.64 -12.94 30.15
N HIS B 139 -8.57 -12.85 28.83
CA HIS B 139 -9.70 -12.33 28.05
C HIS B 139 -10.64 -13.43 27.67
N GLN B 140 -11.85 -13.44 28.21
CA GLN B 140 -12.85 -14.45 27.86
C GLN B 140 -13.87 -13.96 26.78
N GLU B 141 -14.02 -12.64 26.63
CA GLU B 141 -15.05 -12.09 25.76
C GLU B 141 -14.28 -11.26 24.73
N ILE B 142 -14.14 -11.86 23.55
CA ILE B 142 -13.28 -11.31 22.53
C ILE B 142 -14.12 -11.05 21.27
N ALA B 143 -14.12 -9.79 20.80
CA ALA B 143 -14.72 -9.42 19.52
C ALA B 143 -13.81 -9.73 18.32
N PHE B 144 -14.38 -9.93 17.14
CA PHE B 144 -13.62 -10.21 15.96
C PHE B 144 -14.21 -9.43 14.77
N LEU B 145 -13.35 -8.65 14.12
CA LEU B 145 -13.64 -8.01 12.85
C LEU B 145 -13.08 -8.76 11.65
N THR B 146 -13.96 -9.29 10.80
CA THR B 146 -13.53 -10.01 9.60
C THR B 146 -13.13 -9.13 8.45
N GLY B 147 -12.39 -9.71 7.53
CA GLY B 147 -12.17 -9.06 6.24
C GLY B 147 -13.26 -9.48 5.28
N SER B 148 -13.05 -9.22 3.97
CA SER B 148 -14.07 -9.58 2.99
C SER B 148 -14.34 -11.10 2.94
N ASP B 150 -14.81 -13.17 0.56
CA ASP B 150 -14.27 -13.80 -0.65
C ASP B 150 -12.76 -14.09 -0.51
N SER B 151 -12.18 -13.72 0.64
CA SER B 151 -10.70 -13.75 0.76
C SER B 151 -10.31 -14.97 1.61
N PRO B 152 -9.50 -15.89 1.07
CA PRO B 152 -8.93 -16.97 1.81
C PRO B 152 -8.29 -16.56 3.12
N THR B 153 -7.58 -15.42 3.12
CA THR B 153 -6.90 -14.96 4.29
C THR B 153 -7.89 -14.55 5.33
N SER B 154 -8.96 -13.88 4.91
CA SER B 154 -10.01 -13.46 5.83
C SER B 154 -10.69 -14.68 6.42
N ILE B 155 -10.97 -15.64 5.55
CA ILE B 155 -11.69 -16.90 5.98
C ILE B 155 -10.88 -17.70 7.03
N GLU B 156 -9.57 -17.85 6.80
CA GLU B 156 -8.64 -18.58 7.69
C GLU B 156 -8.49 -17.91 9.05
N ARG B 157 -8.36 -16.58 9.05
CA ARG B 157 -8.25 -15.85 10.32
C ARG B 157 -9.51 -16.02 11.19
N LEU B 158 -10.65 -15.99 10.54
CA LEU B 158 -11.89 -16.12 11.27
C LEU B 158 -11.95 -17.53 11.83
N ALA B 159 -11.59 -18.51 11.04
CA ALA B 159 -11.61 -19.93 11.48
C ALA B 159 -10.67 -20.11 12.70
N GLY B 160 -9.54 -19.38 12.72
CA GLY B 160 -8.58 -19.49 13.82
C GLY B 160 -9.12 -18.86 15.09
N TYR B 161 -9.81 -17.72 14.97
CA TYR B 161 -10.61 -17.21 16.07
C TYR B 161 -11.63 -18.24 16.63
N LYS B 162 -12.51 -18.81 15.81
CA LYS B 162 -13.52 -19.73 16.35
C LYS B 162 -12.84 -20.94 16.99
N ASP B 163 -11.77 -21.43 16.36
CA ASP B 163 -11.05 -22.63 16.94
C ASP B 163 -10.42 -22.33 18.30
N ALA B 164 -9.78 -21.16 18.44
CA ALA B 164 -9.21 -20.73 19.71
C ALA B 164 -10.24 -20.61 20.83
N LEU B 165 -11.41 -20.01 20.54
CA LEU B 165 -12.49 -20.05 21.53
C LEU B 165 -12.91 -21.49 21.88
N ALA B 166 -13.17 -22.29 20.87
CA ALA B 166 -13.78 -23.62 21.15
C ALA B 166 -12.78 -24.50 21.96
N GLN B 167 -11.51 -24.46 21.55
CA GLN B 167 -10.43 -25.17 22.26
C GLN B 167 -10.19 -24.71 23.71
N HIS B 168 -10.59 -23.49 24.05
CA HIS B 168 -10.48 -23.00 25.42
C HIS B 168 -11.80 -23.02 26.17
N GLY B 169 -12.78 -23.73 25.63
CA GLY B 169 -14.07 -23.92 26.32
C GLY B 169 -14.87 -22.64 26.40
N ILE B 170 -14.69 -21.76 25.42
CA ILE B 170 -15.50 -20.52 25.29
C ILE B 170 -16.54 -20.64 24.20
N ALA B 171 -17.79 -20.39 24.56
CA ALA B 171 -18.91 -20.48 23.61
C ALA B 171 -18.78 -19.46 22.47
N LEU B 172 -19.10 -19.88 21.27
CA LEU B 172 -19.10 -18.96 20.16
C LEU B 172 -20.38 -18.09 20.20
N ASN B 173 -20.22 -16.78 20.09
CA ASN B 173 -21.36 -15.86 19.99
C ASN B 173 -21.18 -14.97 18.77
N GLU B 174 -21.96 -15.21 17.70
CA GLU B 174 -21.77 -14.33 16.49
C GLU B 174 -22.04 -12.84 16.70
N LYS B 175 -22.65 -12.46 17.83
CA LYS B 175 -22.83 -11.02 18.09
C LYS B 175 -21.51 -10.33 18.33
N LEU B 176 -20.50 -11.11 18.69
CA LEU B 176 -19.16 -10.57 18.84
C LEU B 176 -18.37 -10.53 17.52
N ILE B 177 -18.93 -11.02 16.43
CA ILE B 177 -18.23 -10.99 15.13
C ILE B 177 -18.89 -9.95 14.26
N ALA B 178 -18.10 -9.03 13.74
CA ALA B 178 -18.60 -7.96 12.88
C ALA B 178 -17.93 -8.16 11.52
N ASN B 179 -18.71 -8.24 10.44
CA ASN B 179 -18.15 -8.44 9.09
C ASN B 179 -17.62 -7.10 8.57
N GLY B 180 -16.39 -7.08 8.10
CA GLY B 180 -15.70 -5.84 7.71
C GLY B 180 -15.21 -6.01 6.27
N LYS B 181 -14.50 -5.01 5.78
CA LYS B 181 -14.16 -4.97 4.34
C LYS B 181 -12.73 -4.52 4.14
N TRP B 182 -11.91 -4.58 5.22
CA TRP B 182 -10.47 -4.33 5.22
C TRP B 182 -10.17 -2.82 5.24
N THR B 183 -11.17 -1.98 5.08
CA THR B 183 -10.99 -0.50 5.12
C THR B 183 -11.05 0.04 6.57
N PRO B 184 -10.36 1.18 6.86
CA PRO B 184 -10.50 1.85 8.17
C PRO B 184 -11.95 2.16 8.51
N ALA B 185 -12.72 2.70 7.52
CA ALA B 185 -14.15 2.97 7.76
C ALA B 185 -14.91 1.72 8.24
N SER B 186 -14.60 0.59 7.64
CA SER B 186 -15.34 -0.62 7.97
C SER B 186 -14.94 -1.02 9.39
N GLY B 187 -13.73 -0.65 9.80
CA GLY B 187 -13.29 -0.90 11.18
C GLY B 187 -14.08 -0.06 12.19
N ALA B 188 -14.19 1.24 11.91
CA ALA B 188 -14.88 2.15 12.82
C ALA B 188 -16.38 1.72 12.91
N GLU B 189 -16.95 1.37 11.77
CA GLU B 189 -18.39 1.07 11.66
C GLU B 189 -18.66 -0.28 12.32
N GLY B 190 -17.68 -1.18 12.21
CA GLY B 190 -17.77 -2.54 12.80
C GLY B 190 -17.80 -2.39 14.28
N VAL B 191 -16.95 -1.48 14.80
CA VAL B 191 -16.94 -1.26 16.25
C VAL B 191 -18.21 -0.57 16.76
N GLU B 192 -18.69 0.44 16.02
CA GLU B 192 -19.92 1.13 16.42
C GLU B 192 -21.06 0.08 16.44
N LEU B 194 -20.84 -3.27 17.02
CA LEU B 194 -20.61 -4.09 18.24
C LEU B 194 -21.01 -3.40 19.54
N LEU B 195 -20.67 -2.11 19.69
CA LEU B 195 -21.09 -1.34 20.86
C LEU B 195 -22.58 -1.16 20.92
N GLU B 196 -23.25 -0.88 19.79
CA GLU B 196 -24.73 -0.85 19.80
C GLU B 196 -25.34 -2.23 20.13
N ARG B 197 -24.73 -3.32 19.66
CA ARG B 197 -25.23 -4.72 19.96
C ARG B 197 -25.29 -5.03 21.46
N GLY B 198 -24.46 -4.35 22.24
CA GLY B 198 -24.47 -4.44 23.72
C GLY B 198 -23.72 -5.61 24.36
N ALA B 199 -23.23 -6.54 23.55
CA ALA B 199 -22.56 -7.73 24.08
C ALA B 199 -21.17 -7.29 24.56
N LYS B 200 -20.81 -7.59 25.81
CA LYS B 200 -19.59 -7.04 26.38
C LYS B 200 -18.34 -7.69 25.77
N PHE B 201 -17.29 -6.91 25.59
CA PHE B 201 -16.04 -7.52 25.23
C PHE B 201 -14.85 -6.74 25.85
N SER B 202 -13.77 -7.46 26.20
CA SER B 202 -12.53 -6.84 26.74
C SER B 202 -11.39 -6.73 25.71
N ALA B 203 -11.55 -7.40 24.57
CA ALA B 203 -10.51 -7.37 23.57
C ALA B 203 -11.17 -7.46 22.19
N LEU B 204 -10.53 -6.85 21.18
CA LEU B 204 -11.00 -6.89 19.79
C LEU B 204 -9.85 -7.33 18.89
N VAL B 205 -10.11 -8.36 18.07
CA VAL B 205 -9.12 -8.81 17.05
C VAL B 205 -9.65 -8.34 15.71
N ALA B 206 -8.91 -7.41 15.04
CA ALA B 206 -9.27 -6.95 13.69
C ALA B 206 -8.43 -7.71 12.70
N SER B 207 -9.04 -8.12 11.58
CA SER B 207 -8.36 -8.95 10.60
C SER B 207 -7.30 -8.19 9.80
N ASN B 208 -7.22 -6.84 9.90
CA ASN B 208 -6.01 -6.20 9.39
C ASN B 208 -5.74 -4.89 10.17
N ASP B 209 -4.59 -4.28 9.95
CA ASP B 209 -4.30 -3.11 10.80
C ASP B 209 -5.23 -2.02 10.46
N ASP B 210 -5.58 -1.83 9.20
CA ASP B 210 -6.49 -0.71 8.81
C ASP B 210 -7.80 -0.69 9.56
N ALA B 212 -8.24 -2.24 12.45
CA ALA B 212 -7.94 -2.11 13.88
C ALA B 212 -7.79 -0.59 14.16
N ILE B 213 -7.21 0.14 13.23
CA ILE B 213 -7.04 1.60 13.47
C ILE B 213 -8.41 2.31 13.40
N GLY B 214 -9.25 1.92 12.46
CA GLY B 214 -10.58 2.49 12.42
C GLY B 214 -11.26 2.23 13.73
N ALA B 215 -11.08 0.99 14.23
CA ALA B 215 -11.77 0.55 15.42
C ALA B 215 -11.26 1.28 16.69
N LYS B 217 -10.30 4.18 16.66
CA LYS B 217 -10.80 5.58 16.55
C LYS B 217 -12.22 5.63 17.10
N ALA B 218 -13.02 4.69 16.69
CA ALA B 218 -14.43 4.70 17.08
C ALA B 218 -14.52 4.44 18.60
N LEU B 219 -13.59 3.65 19.13
CA LEU B 219 -13.57 3.34 20.53
C LEU B 219 -13.19 4.59 21.35
N HIS B 220 -12.13 5.27 20.92
CA HIS B 220 -11.71 6.54 21.51
C HIS B 220 -12.82 7.57 21.47
N GLU B 221 -13.53 7.65 20.35
CA GLU B 221 -14.67 8.56 20.20
C GLU B 221 -15.83 8.20 21.13
N ARG B 222 -16.00 6.92 21.43
CA ARG B 222 -17.08 6.55 22.31
C ARG B 222 -16.64 6.57 23.77
N GLY B 223 -15.44 7.11 24.03
CA GLY B 223 -14.83 7.12 25.38
C GLY B 223 -14.54 5.73 25.94
N VAL B 224 -14.17 4.79 25.07
CA VAL B 224 -13.80 3.44 25.51
C VAL B 224 -12.28 3.31 25.46
N ALA B 225 -11.65 3.15 26.63
CA ALA B 225 -10.19 3.11 26.74
C ALA B 225 -9.56 1.89 26.11
N VAL B 226 -8.59 2.16 25.24
CA VAL B 226 -7.66 1.17 24.72
C VAL B 226 -6.26 1.41 25.27
N PRO B 227 -5.66 0.38 25.91
CA PRO B 227 -6.15 -1.00 26.07
C PRO B 227 -6.95 -1.26 27.31
N GLU B 228 -7.09 -0.25 28.16
CA GLU B 228 -7.66 -0.53 29.49
C GLU B 228 -8.99 -1.22 29.53
N GLN B 229 -9.91 -0.73 28.70
CA GLN B 229 -11.22 -1.32 28.63
C GLN B 229 -11.29 -2.30 27.48
N VAL B 230 -10.71 -1.94 26.34
CA VAL B 230 -10.65 -2.91 25.21
C VAL B 230 -9.22 -2.96 24.64
N SER B 231 -8.62 -4.14 24.70
CA SER B 231 -7.35 -4.43 24.05
C SER B 231 -7.58 -4.68 22.55
N VAL B 232 -6.69 -4.13 21.70
CA VAL B 232 -6.80 -4.29 20.24
C VAL B 232 -5.54 -4.93 19.60
N ILE B 233 -5.78 -5.86 18.69
CA ILE B 233 -4.76 -6.57 17.87
C ILE B 233 -5.19 -6.50 16.40
N GLY B 234 -4.24 -6.25 15.50
CA GLY B 234 -4.46 -6.37 14.07
C GLY B 234 -3.55 -7.40 13.47
N PHE B 235 -3.57 -7.49 12.14
CA PHE B 235 -2.61 -8.25 11.30
C PHE B 235 -2.02 -7.39 10.20
N ASP B 236 -0.74 -7.62 9.88
CA ASP B 236 -0.05 -6.95 8.75
C ASP B 236 1.19 -6.27 9.30
N ASP B 237 1.09 -5.74 10.51
CA ASP B 237 2.21 -4.99 11.12
C ASP B 237 2.66 -3.88 10.16
N ILE B 238 1.72 -3.06 9.72
CA ILE B 238 2.08 -1.92 8.80
C ILE B 238 3.08 -0.94 9.39
N ALA B 239 3.71 -0.13 8.55
CA ALA B 239 4.79 0.73 9.03
C ALA B 239 4.28 1.70 10.09
N ILE B 240 3.05 2.16 9.97
CA ILE B 240 2.51 3.07 11.01
C ILE B 240 2.09 2.44 12.34
N ALA B 241 2.05 1.11 12.43
CA ALA B 241 1.54 0.48 13.66
C ALA B 241 2.26 0.96 14.95
N PRO B 242 3.63 1.12 14.92
CA PRO B 242 4.19 1.53 16.19
C PRO B 242 3.87 3.00 16.48
N TYR B 243 3.15 3.68 15.59
CA TYR B 243 3.00 5.15 15.71
C TYR B 243 1.56 5.57 15.91
N THR B 244 0.64 4.61 15.99
CA THR B 244 -0.71 4.93 16.40
C THR B 244 -0.73 5.23 17.92
N VAL B 245 -1.83 5.85 18.36
CA VAL B 245 -1.96 6.32 19.71
C VAL B 245 -3.20 5.60 20.23
N PRO B 246 -3.02 4.48 20.99
CA PRO B 246 -1.80 3.78 21.43
C PRO B 246 -1.21 2.92 20.29
N ALA B 247 0.07 2.61 20.40
CA ALA B 247 0.79 1.81 19.46
C ALA B 247 0.05 0.47 19.24
N LEU B 248 -0.06 0.08 17.97
CA LEU B 248 -0.93 -1.04 17.62
C LEU B 248 -0.21 -2.40 17.64
N SER B 249 -0.59 -3.31 18.53
CA SER B 249 -0.11 -4.70 18.48
C SER B 249 -0.61 -5.35 17.19
N SER B 250 0.28 -6.06 16.50
CA SER B 250 -0.05 -6.60 15.18
C SER B 250 0.71 -7.89 14.84
N VAL B 251 0.03 -8.78 14.13
CA VAL B 251 0.63 -9.99 13.63
C VAL B 251 1.48 -9.71 12.38
N LYS B 252 2.78 -9.98 12.46
CA LYS B 252 3.66 -9.81 11.33
C LYS B 252 3.80 -11.10 10.52
N ILE B 253 3.60 -10.97 9.21
CA ILE B 253 3.74 -12.05 8.23
C ILE B 253 5.15 -11.90 7.65
N PRO B 254 5.88 -13.02 7.53
CA PRO B 254 7.21 -13.03 6.93
C PRO B 254 7.14 -12.89 5.40
N VAL B 255 6.52 -11.81 4.94
CA VAL B 255 6.38 -11.57 3.50
C VAL B 255 7.71 -11.70 2.76
N THR B 256 8.72 -10.95 3.20
CA THR B 256 10.04 -10.95 2.58
C THR B 256 10.66 -12.34 2.39
N GLU B 257 10.69 -13.07 3.49
CA GLU B 257 11.09 -14.46 3.47
C GLU B 257 10.26 -15.25 2.51
N ILE B 259 8.63 -14.38 -0.15
CA ILE B 259 8.82 -13.95 -1.54
C ILE B 259 10.14 -14.46 -2.08
N GLN B 260 11.16 -14.41 -1.23
CA GLN B 260 12.49 -14.87 -1.56
C GLN B 260 12.48 -16.38 -1.73
N GLU B 261 11.69 -17.07 -0.92
CA GLU B 261 11.48 -18.50 -1.13
C GLU B 261 10.85 -18.87 -2.47
N ILE B 262 9.61 -18.41 -2.71
CA ILE B 262 8.95 -18.72 -3.99
C ILE B 262 9.70 -18.19 -5.22
N ILE B 263 10.22 -16.96 -5.18
CA ILE B 263 10.93 -16.50 -6.38
C ILE B 263 12.25 -17.23 -6.51
N GLY B 264 12.94 -17.44 -5.38
CA GLY B 264 14.23 -18.16 -5.41
C GLY B 264 14.06 -19.57 -5.95
N ARG B 265 13.03 -20.27 -5.46
CA ARG B 265 12.71 -21.59 -6.01
C ARG B 265 12.36 -21.60 -7.49
N LEU B 266 11.58 -20.63 -7.97
CA LEU B 266 11.23 -20.59 -9.41
C LEU B 266 12.47 -20.42 -10.25
N ILE B 267 13.38 -19.52 -9.83
CA ILE B 267 14.64 -19.34 -10.54
C ILE B 267 15.53 -20.58 -10.41
N PHE B 268 15.57 -21.19 -9.22
CA PHE B 268 16.20 -22.51 -9.09
C PHE B 268 15.73 -23.49 -10.18
N LEU B 270 14.39 -22.95 -13.15
CA LEU B 270 14.92 -22.47 -14.42
C LEU B 270 16.40 -22.77 -14.60
N ASP B 271 17.13 -22.96 -13.50
CA ASP B 271 18.56 -23.36 -13.54
C ASP B 271 18.77 -24.86 -13.43
N GLY B 272 17.71 -25.63 -13.43
CA GLY B 272 17.88 -27.08 -13.46
C GLY B 272 17.54 -27.71 -12.13
N GLY B 273 17.04 -26.91 -11.20
CA GLY B 273 16.66 -27.39 -9.88
C GLY B 273 15.45 -28.28 -9.93
N ASP B 274 15.10 -28.85 -8.79
CA ASP B 274 13.89 -29.66 -8.69
C ASP B 274 13.00 -29.13 -7.56
N PHE B 275 11.75 -29.62 -7.48
CA PHE B 275 10.81 -29.15 -6.46
C PHE B 275 10.94 -29.90 -5.14
N SER B 276 11.67 -29.31 -4.19
CA SER B 276 11.82 -29.88 -2.84
C SER B 276 10.73 -29.42 -1.87
N PRO B 277 10.53 -30.16 -0.75
CA PRO B 277 9.45 -29.89 0.19
C PRO B 277 9.46 -28.46 0.73
N PRO B 278 8.25 -27.94 1.07
CA PRO B 278 7.94 -26.57 1.47
C PRO B 278 8.48 -26.10 2.83
N LYS B 279 9.32 -25.08 2.84
CA LYS B 279 9.50 -24.25 4.05
C LYS B 279 8.17 -23.56 4.24
N THR B 280 7.39 -23.96 5.24
CA THR B 280 6.14 -23.24 5.55
C THR B 280 6.37 -22.15 6.60
N PHE B 281 5.40 -21.25 6.69
CA PHE B 281 5.58 -19.96 7.35
C PHE B 281 4.46 -19.71 8.36
N SER B 282 4.72 -18.76 9.26
CA SER B 282 3.81 -18.37 10.33
C SER B 282 4.19 -16.96 10.74
N GLY B 283 3.20 -16.18 11.14
CA GLY B 283 3.45 -14.84 11.65
C GLY B 283 3.73 -14.87 13.13
N LYS B 284 4.20 -13.72 13.62
CA LYS B 284 4.46 -13.50 15.04
C LYS B 284 3.67 -12.28 15.45
N LEU B 285 3.00 -12.35 16.59
CA LEU B 285 2.28 -11.21 17.14
C LEU B 285 3.33 -10.25 17.73
N ILE B 286 3.29 -9.01 17.29
CA ILE B 286 4.17 -8.00 17.84
C ILE B 286 3.38 -7.27 18.90
N ARG B 287 3.86 -7.33 20.14
CA ARG B 287 3.12 -6.84 21.28
C ARG B 287 3.45 -5.41 21.56
N ARG B 288 2.44 -4.54 21.50
CA ARG B 288 2.65 -3.09 21.68
C ARG B 288 1.62 -2.59 22.68
N ASP B 289 1.54 -1.29 22.84
CA ASP B 289 0.76 -0.70 23.92
C ASP B 289 -0.75 -0.94 23.83
N SER B 290 -1.30 -1.36 22.67
CA SER B 290 -2.75 -1.57 22.53
C SER B 290 -3.19 -2.86 23.17
N LEU B 291 -2.23 -3.62 23.67
CA LEU B 291 -2.55 -4.88 24.28
C LEU B 291 -2.12 -4.90 25.76
N ILE B 292 -3.08 -5.25 26.65
CA ILE B 292 -2.80 -5.58 28.05
C ILE B 292 -3.92 -6.46 28.67
N ALA B 293 -3.77 -6.90 29.92
CA ALA B 293 -4.83 -7.73 30.56
C ALA B 293 -6.14 -6.94 30.73
N PRO B 294 -7.28 -7.63 30.97
CA PRO B 294 -8.50 -6.84 31.25
C PRO B 294 -8.41 -6.16 32.64
N SER B 295 -9.43 -5.37 33.02
CA SER B 295 -9.40 -4.66 34.33
C SER B 295 -10.37 -5.23 35.39
#